data_4ZKR
#
_entry.id   4ZKR
#
_cell.length_a   121.122
_cell.length_b   121.122
_cell.length_c   43.062
_cell.angle_alpha   90.00
_cell.angle_beta   90.00
_cell.angle_gamma   120.00
#
_symmetry.space_group_name_H-M   'H 3'
#
loop_
_entity.id
_entity.type
_entity.pdbx_description
1 polymer 'Urokinase-type plasminogen activator'
2 polymer upain-1-W3A
3 non-polymer 'SULFATE ION'
4 non-polymer 'HEXAETHYLENE GLYCOL'
5 water water
#
loop_
_entity_poly.entity_id
_entity_poly.type
_entity_poly.pdbx_seq_one_letter_code
_entity_poly.pdbx_strand_id
1 'polypeptide(L)'
;IIGGEFTTIENQPWFAAIYRRHRGGSVTYVCGGSLISPCWVISATHCFIDYPKKEDYIVYLGRSRLNSNTQGEMKFEVEN
LILHKDYSADTLAHHNDIALLKIRSKEGRCAQPSRTIQTIALPSMYNDPQFGTSCEITGFGKEQSTDYLYPEQLKMTVVK
LISHRECQQPHYYGSEVTTKMLCAADPQWKTDSCQGDSGGPLVCSLQGRMTLTGIVSWGRGCALKDKPGVYTRVSHFLPW
IRSHTKE
;
U
2 'polypeptide(L)' CSARGLENHRMC P
#
loop_
_chem_comp.id
_chem_comp.type
_chem_comp.name
_chem_comp.formula
P6G non-polymer 'HEXAETHYLENE GLYCOL' 'C12 H26 O7'
SO4 non-polymer 'SULFATE ION' 'O4 S -2'
#
# COMPACT_ATOMS: atom_id res chain seq x y z
N ILE A 1 -9.17 6.48 -0.73
CA ILE A 1 -8.82 7.31 -1.91
C ILE A 1 -9.87 8.40 -1.99
N ILE A 2 -9.40 9.63 -1.73
CA ILE A 2 -10.20 10.84 -1.87
C ILE A 2 -10.21 11.27 -3.38
N GLY A 3 -11.35 11.52 -3.98
CA GLY A 3 -11.33 11.81 -5.41
C GLY A 3 -10.93 10.63 -6.29
N GLY A 4 -10.16 10.87 -7.34
CA GLY A 4 -9.88 9.81 -8.33
C GLY A 4 -11.12 9.09 -8.83
N GLU A 5 -11.00 7.82 -9.16
CA GLU A 5 -12.08 7.19 -9.89
C GLU A 5 -12.26 5.74 -9.45
N PHE A 6 -13.39 5.10 -9.77
CA PHE A 6 -13.53 3.67 -9.54
C PHE A 6 -12.78 2.85 -10.54
N THR A 7 -12.30 1.69 -10.09
CA THR A 7 -11.58 0.79 -10.95
C THR A 7 -11.90 -0.65 -10.63
N THR A 8 -11.31 -1.58 -11.39
CA THR A 8 -11.41 -3.03 -11.10
C THR A 8 -10.00 -3.63 -11.01
N ILE A 9 -9.88 -4.83 -10.47
CA ILE A 9 -8.54 -5.44 -10.29
C ILE A 9 -7.68 -5.62 -11.56
N GLU A 10 -8.30 -5.76 -12.74
CA GLU A 10 -7.58 -5.78 -14.03
C GLU A 10 -6.68 -4.60 -14.24
N ASN A 11 -7.04 -3.48 -13.63
CA ASN A 11 -6.22 -2.25 -13.76
C ASN A 11 -5.15 -2.08 -12.71
N GLN A 12 -5.12 -3.01 -11.76
CA GLN A 12 -4.07 -3.04 -10.73
C GLN A 12 -3.95 -4.50 -10.25
N PRO A 13 -3.54 -5.43 -11.15
CA PRO A 13 -3.68 -6.88 -10.87
C PRO A 13 -2.82 -7.37 -9.73
N TRP A 14 -1.87 -6.54 -9.28
CA TRP A 14 -1.03 -6.92 -8.15
C TRP A 14 -1.59 -6.48 -6.79
N PHE A 15 -2.72 -5.81 -6.77
CA PHE A 15 -3.25 -5.29 -5.56
C PHE A 15 -3.76 -6.46 -4.71
N ALA A 16 -3.41 -6.46 -3.42
CA ALA A 16 -3.83 -7.50 -2.48
C ALA A 16 -4.70 -6.89 -1.46
N ALA A 17 -5.75 -7.60 -1.09
CA ALA A 17 -6.68 -7.09 -0.11
C ALA A 17 -6.50 -7.88 1.19
N ILE A 18 -6.06 -7.20 2.25
CA ILE A 18 -5.69 -7.88 3.52
C ILE A 18 -6.79 -7.64 4.57
N TYR A 19 -7.33 -8.74 5.11
CA TYR A 19 -8.39 -8.77 6.16
C TYR A 19 -7.88 -9.46 7.46
N ARG A 20 -8.57 -9.30 8.58
CA ARG A 20 -8.17 -10.04 9.80
C ARG A 20 -9.39 -10.69 10.46
N ARG A 21 -9.33 -11.92 10.78
CA ARG A 21 -10.38 -12.58 11.53
C ARG A 21 -10.32 -12.22 13.00
N HIS A 22 -11.44 -11.92 13.59
CA HIS A 22 -11.50 -11.58 15.00
C HIS A 22 -11.95 -12.79 15.82
N ARG A 23 -11.68 -12.76 17.12
CA ARG A 23 -12.30 -13.69 18.02
C ARG A 23 -13.79 -13.42 17.96
N GLY A 24 -14.55 -14.48 17.74
CA GLY A 24 -15.96 -14.44 17.43
C GLY A 24 -16.22 -14.76 15.98
N GLY A 25 -15.18 -14.65 15.17
CA GLY A 25 -15.18 -14.99 13.76
C GLY A 25 -15.49 -13.91 12.74
N SER A 26 -15.69 -12.69 13.19
CA SER A 26 -15.91 -11.60 12.23
C SER A 26 -14.62 -11.25 11.46
N VAL A 27 -14.80 -10.91 10.19
CA VAL A 27 -13.72 -10.56 9.30
C VAL A 27 -13.88 -9.14 8.78
N THR A 28 -12.87 -8.37 8.98
CA THR A 28 -12.88 -6.91 8.75
C THR A 28 -11.67 -6.60 7.87
N TYR A 29 -11.76 -5.55 7.04
CA TYR A 29 -10.62 -5.18 6.14
C TYR A 29 -9.54 -4.47 6.93
N VAL A 30 -8.29 -4.69 6.54
CA VAL A 30 -7.10 -4.17 7.25
C VAL A 30 -6.37 -3.09 6.43
N CYS A 31 -5.87 -3.47 5.26
CA CYS A 31 -5.01 -2.64 4.43
C CYS A 31 -4.85 -3.34 3.08
N GLY A 32 -4.28 -2.61 2.13
CA GLY A 32 -3.85 -3.15 0.86
C GLY A 32 -2.44 -3.69 0.93
N GLY A 33 -2.02 -4.34 -0.15
CA GLY A 33 -0.63 -4.67 -0.40
C GLY A 33 -0.41 -4.95 -1.86
N SER A 34 0.82 -5.31 -2.19
CA SER A 34 1.21 -5.53 -3.58
C SER A 34 1.96 -6.85 -3.73
N LEU A 35 1.57 -7.62 -4.72
CA LEU A 35 2.20 -8.88 -4.98
C LEU A 35 3.43 -8.64 -5.80
N ILE A 36 4.57 -9.05 -5.24
CA ILE A 36 5.85 -8.89 -5.82
C ILE A 36 6.41 -10.23 -6.32
N SER A 37 5.80 -11.35 -5.98
CA SER A 37 6.23 -12.61 -6.54
C SER A 37 5.13 -13.54 -6.13
N PRO A 38 5.02 -14.73 -6.74
CA PRO A 38 3.96 -15.68 -6.47
C PRO A 38 3.61 -15.87 -5.00
N CYS A 39 4.60 -15.83 -4.10
CA CYS A 39 4.37 -16.20 -2.66
C CYS A 39 4.48 -15.01 -1.75
N TRP A 40 4.76 -13.83 -2.28
CA TRP A 40 5.08 -12.70 -1.44
C TRP A 40 4.25 -11.47 -1.72
N VAL A 41 3.51 -11.06 -0.69
CA VAL A 41 2.86 -9.74 -0.69
C VAL A 41 3.60 -8.68 0.17
N ILE A 42 3.80 -7.48 -0.40
CA ILE A 42 4.42 -6.41 0.36
C ILE A 42 3.40 -5.33 0.82
N SER A 43 3.54 -4.84 2.06
CA SER A 43 2.52 -3.97 2.68
C SER A 43 3.21 -3.07 3.69
N ALA A 44 2.47 -2.38 4.57
CA ALA A 44 3.05 -1.55 5.63
C ALA A 44 3.03 -2.30 6.95
N THR A 45 4.07 -2.22 7.77
CA THR A 45 4.08 -2.77 9.18
C THR A 45 2.99 -2.25 10.14
N HIS A 46 2.68 -0.95 10.06
CA HIS A 46 1.63 -0.35 10.91
C HIS A 46 0.24 -1.00 10.77
N CYS A 47 -0.05 -1.62 9.63
CA CYS A 47 -1.29 -2.36 9.45
C CYS A 47 -1.42 -3.55 10.40
N PHE A 48 -0.28 -3.99 10.94
CA PHE A 48 -0.17 -5.30 11.61
C PHE A 48 0.37 -5.27 13.03
N ILE A 49 1.04 -4.18 13.39
CA ILE A 49 1.81 -4.09 14.66
C ILE A 49 1.03 -4.41 15.94
N ASP A 50 -0.23 -4.01 15.97
CA ASP A 50 -1.15 -4.33 17.08
C ASP A 50 -1.65 -5.79 17.14
N TYR A 51 -1.62 -6.49 15.99
CA TYR A 51 -2.05 -7.89 15.94
C TYR A 51 -1.04 -8.68 15.11
N PRO A 52 0.17 -8.88 15.65
CA PRO A 52 1.30 -9.37 14.86
C PRO A 52 1.23 -10.84 14.49
N LYS A 53 0.18 -11.67 14.88
CA LYS A 53 -0.06 -13.09 14.71
C LYS A 53 -0.58 -13.42 13.32
N LYS A 54 0.16 -14.22 12.59
CA LYS A 54 -0.10 -14.49 11.17
C LYS A 54 -1.42 -15.17 10.91
N GLU A 55 -1.85 -15.97 11.87
CA GLU A 55 -3.03 -16.79 11.79
C GLU A 55 -4.33 -16.00 11.68
N ASP A 56 -4.29 -14.74 12.07
CA ASP A 56 -5.46 -13.88 12.12
C ASP A 56 -5.83 -13.33 10.70
N TYR A 57 -4.93 -13.47 9.74
CA TYR A 57 -5.05 -12.75 8.47
C TYR A 57 -5.50 -13.60 7.28
N ILE A 58 -6.23 -12.96 6.39
CA ILE A 58 -6.64 -13.53 5.12
C ILE A 58 -6.23 -12.52 4.05
N VAL A 59 -5.61 -13.01 3.02
CA VAL A 59 -5.20 -12.22 1.87
C VAL A 59 -5.96 -12.63 0.61
N TYR A 60 -6.62 -11.66 -0.03
CA TYR A 60 -7.17 -11.99 -1.33
C TYR A 60 -6.37 -11.35 -2.43
N LEU A 61 -6.22 -12.09 -3.52
CA LEU A 61 -5.69 -11.60 -4.80
C LEU A 61 -6.81 -11.62 -5.89
N GLY A 62 -6.68 -10.77 -6.89
CA GLY A 62 -7.73 -10.73 -7.90
C GLY A 62 -9.11 -10.25 -7.52
N ARG A 63 -9.20 -9.43 -6.47
CA ARG A 63 -10.48 -9.00 -5.87
C ARG A 63 -10.68 -7.50 -6.07
N SER A 64 -11.82 -7.14 -6.66
CA SER A 64 -12.19 -5.76 -6.99
C SER A 64 -13.17 -5.12 -6.05
N ARG A 65 -13.78 -5.91 -5.22
CA ARG A 65 -14.81 -5.47 -4.29
C ARG A 65 -14.50 -5.86 -2.84
N LEU A 66 -14.91 -5.00 -1.92
CA LEU A 66 -14.55 -5.15 -0.49
C LEU A 66 -15.24 -6.29 0.24
N ASN A 67 -16.54 -6.41 0.06
CA ASN A 67 -17.37 -7.37 0.84
C ASN A 67 -18.13 -8.36 0.06
N SER A 68 -17.76 -8.48 -1.15
CA SER A 68 -18.33 -9.48 -2.03
C SER A 68 -17.21 -10.09 -2.84
N ASN A 69 -17.41 -11.30 -3.34
CA ASN A 69 -16.31 -11.96 -3.98
C ASN A 69 -16.24 -11.59 -5.42
N THR A 70 -15.03 -11.46 -5.94
CA THR A 70 -14.88 -11.21 -7.37
C THR A 70 -14.58 -12.51 -8.06
N GLN A 71 -15.19 -12.75 -9.21
CA GLN A 71 -14.90 -13.97 -9.99
C GLN A 71 -13.38 -14.21 -10.26
N GLY A 72 -12.87 -15.40 -9.97
CA GLY A 72 -11.45 -15.67 -10.19
C GLY A 72 -10.45 -15.18 -9.14
N GLU A 73 -10.96 -14.66 -8.02
CA GLU A 73 -10.10 -14.24 -6.94
C GLU A 73 -9.41 -15.46 -6.32
N MET A 74 -8.26 -15.24 -5.70
CA MET A 74 -7.58 -16.29 -4.88
C MET A 74 -7.44 -15.87 -3.43
N LYS A 75 -7.74 -16.79 -2.54
CA LYS A 75 -7.74 -16.51 -1.12
C LYS A 75 -6.58 -17.25 -0.46
N PHE A 76 -5.91 -16.60 0.46
CA PHE A 76 -4.69 -17.17 1.00
C PHE A 76 -4.71 -17.02 2.50
N GLU A 77 -3.87 -17.81 3.15
CA GLU A 77 -3.48 -17.52 4.50
C GLU A 77 -2.09 -16.97 4.44
N VAL A 78 -1.65 -16.43 5.58
CA VAL A 78 -0.32 -15.90 5.79
C VAL A 78 0.50 -17.01 6.43
N GLU A 79 1.40 -17.53 5.68
CA GLU A 79 2.38 -18.47 6.16
C GLU A 79 3.44 -17.80 7.06
N ASN A 80 3.79 -16.58 6.75
CA ASN A 80 4.69 -15.79 7.58
C ASN A 80 4.35 -14.32 7.45
N LEU A 81 4.37 -13.59 8.55
CA LEU A 81 4.15 -12.16 8.58
C LEU A 81 5.43 -11.51 9.10
N ILE A 82 6.10 -10.71 8.26
CA ILE A 82 7.46 -10.21 8.48
C ILE A 82 7.41 -8.70 8.64
N LEU A 83 7.52 -8.24 9.88
CA LEU A 83 7.51 -6.85 10.19
C LEU A 83 8.92 -6.29 10.24
N HIS A 84 9.12 -5.01 9.97
CA HIS A 84 10.45 -4.46 9.95
C HIS A 84 10.85 -4.14 11.38
N LYS A 85 11.97 -4.71 11.79
CA LYS A 85 12.46 -4.64 13.16
C LYS A 85 12.81 -3.22 13.56
N ASP A 86 13.12 -2.37 12.58
CA ASP A 86 13.39 -0.99 12.96
C ASP A 86 12.19 -0.06 12.90
N TYR A 87 11.02 -0.65 12.81
CA TYR A 87 9.83 0.16 12.76
C TYR A 87 9.75 1.06 13.98
N SER A 88 9.18 2.25 13.78
CA SER A 88 9.01 3.17 14.86
C SER A 88 7.84 4.06 14.47
N ALA A 89 7.06 4.47 15.48
CA ALA A 89 5.99 5.43 15.23
C ALA A 89 5.89 6.72 16.07
N ASP A 90 5.25 7.73 15.44
CA ASP A 90 4.87 9.08 15.92
C ASP A 90 4.99 10.29 15.03
N THR A 91 4.27 11.34 15.42
CA THR A 91 2.96 11.18 16.12
C THR A 91 1.95 10.49 15.14
N LEU A 92 2.32 10.63 13.86
CA LEU A 92 1.82 10.03 12.67
C LEU A 92 2.98 9.34 11.90
N ALA A 93 4.18 9.83 12.03
CA ALA A 93 5.19 9.58 11.01
C ALA A 93 6.01 8.33 11.13
N HIS A 94 5.43 7.22 10.72
CA HIS A 94 5.99 5.92 10.87
C HIS A 94 7.29 5.68 10.08
N HIS A 95 8.26 5.14 10.74
CA HIS A 95 9.54 4.91 10.10
C HIS A 95 9.63 3.43 9.81
N ASN A 96 10.31 3.11 8.70
CA ASN A 96 10.52 1.74 8.22
C ASN A 96 9.20 0.99 8.07
N ASP A 97 8.22 1.65 7.46
CA ASP A 97 6.87 1.14 7.50
C ASP A 97 6.72 0.20 6.34
N ILE A 98 7.22 -1.03 6.55
CA ILE A 98 7.27 -2.03 5.46
C ILE A 98 7.08 -3.46 6.04
N ALA A 99 6.36 -4.32 5.34
CA ALA A 99 6.03 -5.66 5.81
C ALA A 99 5.91 -6.61 4.63
N LEU A 100 6.26 -7.87 4.87
CA LEU A 100 6.19 -8.96 3.91
C LEU A 100 5.26 -10.00 4.44
N LEU A 101 4.35 -10.44 3.60
CA LEU A 101 3.46 -11.51 3.99
C LEU A 101 3.73 -12.60 2.98
N LYS A 102 4.10 -13.79 3.47
CA LYS A 102 4.26 -14.94 2.57
C LYS A 102 2.97 -15.68 2.50
N ILE A 103 2.37 -15.81 1.34
CA ILE A 103 1.02 -16.34 1.20
C ILE A 103 0.96 -17.81 0.81
N ARG A 104 -0.02 -18.50 1.35
CA ARG A 104 -0.21 -19.89 1.01
C ARG A 104 -1.67 -20.21 1.07
N SER A 105 -2.22 -20.81 0.02
CA SER A 105 -3.61 -21.25 0.03
C SER A 105 -3.85 -22.49 0.86
N LYS A 106 -5.10 -22.83 1.10
CA LYS A 106 -5.42 -23.98 1.92
C LYS A 106 -4.82 -25.27 1.31
N GLU A 107 -4.71 -25.27 0.02
CA GLU A 107 -4.16 -26.33 -0.78
C GLU A 107 -2.64 -26.26 -0.90
N GLY A 108 -2.04 -25.30 -0.21
CA GLY A 108 -0.62 -25.13 -0.16
C GLY A 108 0.06 -24.48 -1.31
N ARG A 109 -0.66 -23.65 -2.03
CA ARG A 109 -0.10 -22.99 -3.16
C ARG A 109 0.01 -21.47 -3.00
N CYS A 110 0.89 -20.89 -3.81
CA CYS A 110 1.00 -19.44 -3.96
C CYS A 110 0.16 -18.87 -5.14
N ALA A 111 0.40 -17.64 -5.53
CA ALA A 111 -0.37 -17.00 -6.59
C ALA A 111 -0.13 -17.66 -7.92
N GLN A 112 -1.20 -17.81 -8.65
CA GLN A 112 -1.16 -18.23 -10.04
C GLN A 112 -1.59 -17.03 -10.92
N PRO A 113 -0.58 -16.58 -11.77
CA PRO A 113 -0.96 -15.43 -12.60
C PRO A 113 -2.10 -15.66 -13.54
N SER A 114 -2.87 -14.60 -13.67
CA SER A 114 -4.02 -14.56 -14.53
C SER A 114 -4.24 -13.13 -15.10
N ARG A 115 -5.38 -12.90 -15.72
CA ARG A 115 -5.70 -11.59 -16.22
C ARG A 115 -5.91 -10.62 -15.04
N THR A 116 -6.39 -11.15 -13.90
CA THR A 116 -6.67 -10.35 -12.71
C THR A 116 -5.60 -10.37 -11.59
N ILE A 117 -4.54 -11.18 -11.72
CA ILE A 117 -3.48 -11.42 -10.69
C ILE A 117 -2.13 -11.53 -11.43
N GLN A 118 -1.30 -10.50 -11.34
CA GLN A 118 0.03 -10.45 -11.90
C GLN A 118 0.91 -9.87 -10.80
N THR A 119 2.24 -9.79 -11.03
CA THR A 119 3.14 -9.24 -10.00
C THR A 119 3.55 -7.85 -10.49
N ILE A 120 4.14 -7.04 -9.59
CA ILE A 120 4.63 -5.71 -9.89
C ILE A 120 6.13 -5.74 -9.59
N ALA A 121 6.91 -5.15 -10.50
CA ALA A 121 8.34 -4.97 -10.35
C ALA A 121 8.74 -4.02 -9.22
N LEU A 122 9.80 -4.31 -8.49
CA LEU A 122 10.41 -3.40 -7.54
C LEU A 122 11.27 -2.45 -8.36
N PRO A 123 11.55 -1.22 -7.87
CA PRO A 123 12.53 -0.38 -8.53
C PRO A 123 13.89 -0.90 -8.25
N SER A 124 14.81 -0.39 -9.06
CA SER A 124 16.23 -0.61 -8.76
C SER A 124 16.65 0.34 -7.69
N MET A 125 17.75 0.02 -7.02
CA MET A 125 18.08 0.69 -5.80
C MET A 125 18.32 2.13 -6.02
N TYR A 126 17.76 2.93 -5.14
CA TYR A 126 17.95 4.36 -5.17
C TYR A 126 17.56 4.93 -6.51
N ASN A 127 16.58 4.31 -7.15
CA ASN A 127 16.11 4.82 -8.45
C ASN A 127 14.60 5.18 -8.47
N ASP A 128 14.28 6.45 -8.46
CA ASP A 128 12.89 6.96 -8.35
C ASP A 128 12.62 8.02 -9.38
N PRO A 129 11.43 8.31 -9.69
CA PRO A 129 11.18 9.31 -10.68
C PRO A 129 11.49 10.70 -10.11
N GLN A 130 11.72 11.64 -11.00
CA GLN A 130 11.96 12.99 -10.63
C GLN A 130 10.69 13.55 -9.98
N PHE A 131 10.87 14.54 -9.14
CA PHE A 131 9.74 15.19 -8.51
C PHE A 131 8.79 15.89 -9.53
N GLY A 132 7.47 15.96 -9.25
CA GLY A 132 6.51 16.29 -10.27
C GLY A 132 6.03 15.16 -11.14
N THR A 133 6.69 14.03 -11.11
CA THR A 133 6.21 12.92 -11.88
C THR A 133 4.85 12.50 -11.35
N SER A 134 3.97 12.14 -12.24
CA SER A 134 2.67 11.61 -11.89
C SER A 134 2.72 10.10 -11.69
N CYS A 135 2.17 9.62 -10.58
CA CYS A 135 2.10 8.20 -10.25
C CYS A 135 0.67 7.81 -9.80
N GLU A 136 0.28 6.50 -9.71
CA GLU A 136 -1.05 6.09 -9.28
C GLU A 136 -1.01 5.40 -7.92
N ILE A 137 -2.10 5.58 -7.18
CA ILE A 137 -2.32 4.90 -5.91
C ILE A 137 -3.64 4.18 -5.97
N THR A 138 -3.74 3.02 -5.34
CA THR A 138 -4.93 2.15 -5.38
C THR A 138 -5.35 1.75 -3.98
N GLY A 139 -6.66 1.75 -3.72
CA GLY A 139 -7.14 1.09 -2.50
C GLY A 139 -8.62 1.16 -2.22
N PHE A 140 -8.98 0.55 -1.09
CA PHE A 140 -10.35 0.52 -0.55
C PHE A 140 -10.57 1.54 0.60
N GLY A 141 -9.68 2.52 0.76
CA GLY A 141 -9.76 3.50 1.81
C GLY A 141 -10.92 4.47 1.69
N LYS A 142 -11.12 5.30 2.71
CA LYS A 142 -12.24 6.26 2.70
C LYS A 142 -12.23 7.19 1.45
N GLU A 143 -13.45 7.56 0.98
CA GLU A 143 -13.67 8.47 -0.16
C GLU A 143 -13.68 9.92 0.23
N GLN A 144 -14.05 10.17 1.50
CA GLN A 144 -13.99 11.45 2.20
C GLN A 144 -13.56 11.18 3.64
N SER A 145 -12.81 12.10 4.24
CA SER A 145 -12.32 11.92 5.61
C SER A 145 -13.44 11.69 6.63
N THR A 146 -14.58 12.33 6.42
CA THR A 146 -15.67 12.19 7.36
C THR A 146 -16.48 10.91 7.17
N ASP A 147 -16.19 10.13 6.18
CA ASP A 147 -16.99 8.97 5.97
C ASP A 147 -16.76 7.98 7.07
N TYR A 148 -17.77 7.18 7.33
CA TYR A 148 -17.62 6.07 8.23
C TYR A 148 -17.31 4.79 7.49
N LEU A 149 -18.00 4.60 6.37
CA LEU A 149 -17.82 3.46 5.54
C LEU A 149 -16.66 3.64 4.55
N TYR A 150 -16.19 2.50 4.08
CA TYR A 150 -15.20 2.38 3.06
C TYR A 150 -15.97 2.02 1.80
N PRO A 151 -15.50 2.42 0.63
CA PRO A 151 -16.13 2.06 -0.63
C PRO A 151 -16.11 0.55 -0.87
N GLU A 152 -17.19 0.02 -1.40
CA GLU A 152 -17.28 -1.36 -1.83
C GLU A 152 -16.46 -1.69 -3.07
N GLN A 153 -16.18 -0.70 -3.88
CA GLN A 153 -15.49 -0.85 -5.14
C GLN A 153 -14.11 -0.17 -5.08
N LEU A 154 -13.16 -0.88 -5.62
CA LEU A 154 -11.78 -0.51 -5.51
C LEU A 154 -11.66 0.82 -6.22
N LYS A 155 -10.71 1.69 -5.88
CA LYS A 155 -10.48 3.03 -6.45
C LYS A 155 -9.01 3.28 -6.75
N MET A 156 -8.74 4.19 -7.68
CA MET A 156 -7.42 4.66 -7.92
C MET A 156 -7.41 6.16 -8.19
N THR A 157 -6.28 6.78 -7.99
CA THR A 157 -6.07 8.15 -8.34
C THR A 157 -4.63 8.40 -8.73
N VAL A 158 -4.38 9.68 -9.06
CA VAL A 158 -3.08 10.10 -9.57
C VAL A 158 -2.67 11.16 -8.61
N VAL A 159 -1.40 11.11 -8.22
CA VAL A 159 -0.72 12.11 -7.38
C VAL A 159 0.68 12.35 -7.93
N LYS A 160 1.23 13.50 -7.63
CA LYS A 160 2.54 13.91 -8.11
C LYS A 160 3.57 13.88 -6.99
N LEU A 161 4.73 13.35 -7.32
CA LEU A 161 5.83 13.27 -6.40
C LEU A 161 6.34 14.63 -6.03
N ILE A 162 6.58 14.70 -4.77
CA ILE A 162 7.06 15.95 -4.15
C ILE A 162 8.51 15.71 -3.68
N SER A 163 9.30 16.76 -3.85
CA SER A 163 10.70 16.73 -3.42
C SER A 163 10.87 16.70 -1.88
N HIS A 164 11.93 16.09 -1.38
CA HIS A 164 12.16 16.04 0.06
C HIS A 164 12.30 17.45 0.57
N ARG A 165 13.11 18.44 -0.32
CA ARG A 165 13.12 19.78 0.15
C ARG A 165 11.76 20.40 0.27
N GLU A 166 10.82 20.17 -0.68
CA GLU A 166 9.46 20.68 -0.43
C GLU A 166 8.76 20.03 0.79
N CYS A 167 8.89 18.73 0.99
CA CYS A 167 8.18 18.07 2.04
C CYS A 167 8.64 18.37 3.50
N GLN A 168 9.89 18.73 3.58
CA GLN A 168 10.57 18.99 4.84
C GLN A 168 10.40 20.41 5.31
N GLN A 169 9.76 21.25 4.54
CA GLN A 169 9.43 22.56 5.03
C GLN A 169 8.57 22.44 6.26
N PRO A 170 8.81 23.43 7.22
CA PRO A 170 7.98 23.33 8.42
C PRO A 170 6.49 23.36 8.16
N HIS A 171 6.06 24.13 7.20
CA HIS A 171 4.66 24.22 6.83
C HIS A 171 4.07 23.01 6.09
N TYR A 172 4.93 22.12 5.65
CA TYR A 172 4.57 20.80 5.24
C TYR A 172 4.75 19.83 6.46
N TYR A 173 5.71 18.86 6.45
CA TYR A 173 5.93 17.90 7.53
C TYR A 173 7.17 18.08 8.41
N GLY A 174 7.94 19.14 8.15
CA GLY A 174 9.20 19.37 8.88
C GLY A 174 10.01 18.10 8.82
N SER A 175 10.56 17.73 9.97
CA SER A 175 11.48 16.63 10.16
C SER A 175 10.84 15.27 10.28
N GLU A 176 9.51 15.24 10.23
CA GLU A 176 8.76 14.00 10.22
C GLU A 176 9.10 13.14 9.00
N VAL A 177 9.44 13.77 7.90
CA VAL A 177 9.72 13.05 6.67
C VAL A 177 11.20 12.78 6.46
N THR A 178 11.60 11.60 6.14
CA THR A 178 12.96 11.28 6.01
C THR A 178 13.24 10.90 4.57
N THR A 179 14.50 10.70 4.27
CA THR A 179 14.94 10.27 2.99
C THR A 179 14.45 8.89 2.56
N LYS A 180 13.99 8.08 3.51
CA LYS A 180 13.42 6.75 3.28
C LYS A 180 11.86 6.79 3.03
N MET A 181 11.29 7.97 3.02
CA MET A 181 9.88 8.29 2.73
C MET A 181 9.74 9.06 1.44
N LEU A 182 8.55 8.97 0.84
CA LEU A 182 8.22 9.85 -0.31
C LEU A 182 6.91 10.54 -0.09
N CYS A 183 6.85 11.79 -0.52
CA CYS A 183 5.66 12.60 -0.41
C CYS A 183 5.04 12.67 -1.79
N ALA A 184 3.75 12.61 -1.85
CA ALA A 184 3.07 12.80 -3.11
C ALA A 184 1.73 13.44 -2.85
N ALA A 185 1.31 14.34 -3.73
CA ALA A 185 0.04 15.05 -3.58
C ALA A 185 -0.45 15.60 -4.92
N ASP A 186 -1.67 16.06 -4.88
CA ASP A 186 -2.31 16.70 -5.97
C ASP A 186 -2.02 18.21 -5.88
N PRO A 187 -1.76 18.79 -7.13
CA PRO A 187 -1.52 20.26 -7.08
C PRO A 187 -2.62 21.17 -6.43
N GLN A 188 -3.87 20.75 -6.50
CA GLN A 188 -5.03 21.40 -5.90
C GLN A 188 -5.41 20.77 -4.56
N TRP A 189 -4.67 19.76 -4.16
CA TRP A 189 -4.91 19.02 -2.92
C TRP A 189 -6.28 18.32 -2.92
N LYS A 190 -6.76 17.97 -4.08
CA LYS A 190 -8.16 17.50 -4.19
C LYS A 190 -8.36 15.99 -4.23
N THR A 191 -7.25 15.31 -4.32
CA THR A 191 -7.24 13.87 -4.36
C THR A 191 -6.02 13.35 -3.57
N ASP A 192 -6.13 12.15 -3.04
CA ASP A 192 -5.20 11.66 -2.03
C ASP A 192 -5.52 10.22 -1.55
N SER A 193 -4.57 9.62 -0.82
CA SER A 193 -4.83 8.43 -0.01
C SER A 193 -5.47 8.84 1.30
N CYS A 194 -6.16 7.89 1.93
CA CYS A 194 -6.85 8.16 3.18
C CYS A 194 -6.91 6.88 3.97
N GLN A 195 -7.58 6.92 5.10
CA GLN A 195 -7.65 5.82 6.05
C GLN A 195 -8.17 4.58 5.38
N GLY A 196 -7.40 3.50 5.44
CA GLY A 196 -7.78 2.26 4.78
C GLY A 196 -6.95 2.02 3.53
N ASP A 197 -6.32 3.06 2.98
CA ASP A 197 -5.45 2.83 1.83
C ASP A 197 -4.05 2.32 2.17
N SER A 198 -3.74 2.23 3.46
CA SER A 198 -2.35 1.92 3.90
C SER A 198 -1.96 0.55 3.43
N GLY A 199 -0.68 0.38 3.13
CA GLY A 199 -0.16 -0.87 2.64
C GLY A 199 -0.19 -1.02 1.14
N GLY A 200 -0.96 -0.19 0.45
CA GLY A 200 -1.13 -0.41 -0.97
C GLY A 200 -0.11 0.32 -1.81
N PRO A 201 -0.18 0.12 -3.15
CA PRO A 201 0.85 0.55 -4.06
C PRO A 201 0.83 2.01 -4.44
N LEU A 202 2.01 2.66 -4.48
CA LEU A 202 2.23 3.84 -5.33
C LEU A 202 3.07 3.35 -6.51
N VAL A 203 2.46 3.38 -7.69
CA VAL A 203 3.06 2.79 -8.88
C VAL A 203 3.42 3.89 -9.88
N CYS A 204 4.67 3.97 -10.33
CA CYS A 204 5.20 4.94 -11.28
C CYS A 204 5.83 4.19 -12.48
N SER A 205 5.82 4.87 -13.61
CA SER A 205 6.36 4.28 -14.81
C SER A 205 7.73 4.87 -14.95
N LEU A 206 8.74 4.03 -14.88
CA LEU A 206 10.10 4.47 -14.98
C LEU A 206 10.69 3.64 -16.08
N GLN A 207 11.09 4.29 -17.15
CA GLN A 207 11.75 3.66 -18.30
C GLN A 207 10.90 2.64 -19.02
N GLY A 208 9.61 2.85 -19.00
CA GLY A 208 8.66 1.98 -19.62
C GLY A 208 8.05 0.95 -18.73
N ARG A 209 8.61 0.85 -17.53
CA ARG A 209 8.21 -0.20 -16.65
C ARG A 209 7.41 0.31 -15.45
N MET A 210 6.26 -0.29 -15.26
CA MET A 210 5.47 0.00 -14.07
C MET A 210 6.22 -0.56 -12.87
N THR A 211 6.36 0.31 -11.92
CA THR A 211 7.26 0.05 -10.81
C THR A 211 6.65 0.40 -9.46
N LEU A 212 6.80 -0.50 -8.49
CA LEU A 212 6.38 -0.25 -7.13
C LEU A 212 7.27 0.75 -6.40
N THR A 213 7.00 2.02 -6.59
CA THR A 213 7.83 3.10 -6.05
C THR A 213 7.59 3.31 -4.54
N GLY A 214 6.35 3.15 -4.10
CA GLY A 214 6.02 3.50 -2.74
C GLY A 214 4.91 2.61 -2.24
N ILE A 215 4.78 2.61 -0.92
CA ILE A 215 3.75 1.87 -0.22
C ILE A 215 3.06 2.90 0.66
N VAL A 216 1.74 3.12 0.48
CA VAL A 216 1.00 4.04 1.33
C VAL A 216 1.37 3.85 2.83
N SER A 217 1.74 4.94 3.51
CA SER A 217 2.14 4.77 4.87
C SER A 217 1.45 5.72 5.86
N TRP A 218 1.57 7.04 5.69
CA TRP A 218 0.88 7.98 6.62
C TRP A 218 0.61 9.34 5.99
N GLY A 219 -0.07 10.23 6.74
CA GLY A 219 -0.24 11.63 6.34
C GLY A 219 -0.99 12.31 7.46
N ARG A 220 -1.02 13.61 7.55
CA ARG A 220 -1.98 14.25 8.43
C ARG A 220 -3.29 14.54 7.62
N GLY A 221 -4.39 13.90 8.01
CA GLY A 221 -5.66 13.95 7.33
C GLY A 221 -5.56 13.47 5.90
N CYS A 222 -6.38 13.95 5.03
CA CYS A 222 -6.33 13.46 3.68
C CYS A 222 -6.78 14.62 2.77
N ALA A 223 -6.11 14.80 1.65
CA ALA A 223 -6.50 15.83 0.70
C ALA A 223 -6.61 17.16 1.45
N LEU A 224 -5.63 17.37 2.36
CA LEU A 224 -5.47 18.62 3.10
C LEU A 224 -4.34 19.40 2.48
N LYS A 225 -4.56 20.68 2.24
CA LYS A 225 -3.51 21.61 1.88
C LYS A 225 -2.23 21.48 2.75
N ASP A 226 -1.09 21.47 2.06
CA ASP A 226 0.23 21.37 2.63
C ASP A 226 0.47 20.09 3.38
N LYS A 227 -0.42 19.11 3.18
CA LYS A 227 -0.28 17.87 3.93
C LYS A 227 -0.30 16.66 3.01
N PRO A 228 0.84 16.38 2.34
CA PRO A 228 0.81 15.30 1.36
C PRO A 228 0.60 13.89 1.94
N GLY A 229 0.33 12.90 1.10
CA GLY A 229 0.38 11.52 1.55
C GLY A 229 1.86 11.14 1.60
N VAL A 230 2.18 10.25 2.52
CA VAL A 230 3.56 9.73 2.74
C VAL A 230 3.60 8.19 2.55
N TYR A 231 4.66 7.75 1.86
CA TYR A 231 4.79 6.47 1.22
C TYR A 231 6.17 5.96 1.64
N THR A 232 6.31 4.67 1.87
CA THR A 232 7.60 4.10 2.19
C THR A 232 8.30 4.03 0.85
N ARG A 233 9.55 4.51 0.83
CA ARG A 233 10.35 4.63 -0.41
C ARG A 233 11.01 3.30 -0.65
N VAL A 234 10.40 2.48 -1.54
CA VAL A 234 10.78 1.04 -1.70
C VAL A 234 12.26 0.87 -2.16
N SER A 235 12.78 1.84 -2.88
CA SER A 235 14.07 1.71 -3.51
C SER A 235 15.22 1.82 -2.47
N HIS A 236 14.86 2.12 -1.22
CA HIS A 236 15.78 2.21 -0.09
C HIS A 236 15.64 0.98 0.82
N PHE A 237 14.91 -0.03 0.39
CA PHE A 237 14.75 -1.22 1.22
C PHE A 237 14.95 -2.46 0.42
N LEU A 238 15.63 -2.45 -0.70
CA LEU A 238 15.81 -3.70 -1.49
C LEU A 238 16.57 -4.87 -0.78
N PRO A 239 17.65 -4.41 -0.04
CA PRO A 239 18.34 -5.46 0.73
C PRO A 239 17.45 -6.18 1.79
N TRP A 240 16.63 -5.41 2.51
CA TRP A 240 15.69 -5.96 3.45
C TRP A 240 14.71 -6.82 2.75
N ILE A 241 14.19 -6.42 1.59
CA ILE A 241 13.23 -7.24 0.89
C ILE A 241 13.83 -8.57 0.44
N ARG A 242 15.02 -8.48 -0.11
CA ARG A 242 15.65 -9.66 -0.68
C ARG A 242 16.05 -10.70 0.32
N SER A 243 16.58 -10.24 1.43
CA SER A 243 16.92 -11.15 2.51
C SER A 243 15.66 -11.73 3.01
N HIS A 244 14.66 -10.91 3.08
CA HIS A 244 13.53 -11.45 3.83
C HIS A 244 12.61 -12.38 3.07
N THR A 245 12.82 -12.43 1.78
CA THR A 245 12.03 -13.20 0.89
C THR A 245 12.77 -14.43 0.47
N LYS A 246 14.12 -14.42 0.61
CA LYS A 246 15.00 -15.52 0.16
C LYS A 246 14.47 -16.69 0.95
N ARG B 4 -4.00 7.82 8.39
CA ARG B 4 -4.10 7.08 7.13
C ARG B 4 -3.10 5.93 7.08
S SO4 C . -5.01 3.21 8.24
O1 SO4 C . -4.96 3.51 6.79
O2 SO4 C . -3.82 2.45 8.63
O3 SO4 C . -6.16 2.35 8.47
O4 SO4 C . -5.16 4.42 9.02
O1 P6G D . -15.16 -0.18 8.38
C2 P6G D . -15.85 0.74 9.23
C3 P6G D . -17.32 0.78 8.84
O4 P6G D . -17.98 -0.36 9.38
C5 P6G D . -19.17 -0.02 10.08
C6 P6G D . -20.25 -1.07 9.84
O7 P6G D . -20.67 -1.02 8.48
C8 P6G D . -21.72 -1.95 8.18
C9 P6G D . -21.12 -3.30 7.77
O10 P6G D . -21.29 -3.55 6.37
C11 P6G D . -20.05 -3.75 5.69
C12 P6G D . -19.76 -5.24 5.51
O13 P6G D . -19.29 -5.79 6.74
C14 P6G D . -18.15 -6.62 6.57
C15 P6G D . -17.82 -7.31 7.89
O16 P6G D . -17.84 -6.36 8.95
C17 P6G D . -17.78 -6.97 10.23
C18 P6G D . -17.72 -5.91 11.32
O19 P6G D . -17.04 -6.44 12.47
#